data_7OEK
#
_entry.id   7OEK
#
_cell.length_a   63.900
_cell.length_b   63.900
_cell.length_c   225.490
_cell.angle_alpha   90.000
_cell.angle_beta   90.000
_cell.angle_gamma   120.000
#
_symmetry.space_group_name_H-M   'P 32 2 1'
#
loop_
_entity.id
_entity.type
_entity.pdbx_description
1 polymer 'N6-adenosine-methyltransferase catalytic subunit'
2 polymer 'N6-adenosine-methyltransferase non-catalytic subunit'
3 non-polymer 4-[[(3S)-3-cyclopropyl-2-azaspiro[3.3]heptan-2-yl]methyl]-2-oxidanyl-N-[[(3R)-3-oxidanyl-1-[6-[(phenylmethyl)amino]pyrimidin-4-yl]piperidin-3-yl]methyl]benzamide
4 non-polymer 'ACETATE ION'
5 water water
#
loop_
_entity_poly.entity_id
_entity_poly.type
_entity_poly.pdbx_seq_one_letter_code
_entity_poly.pdbx_strand_id
1 'polypeptide(L)'
;MGHHHHHHSSGRENLYFQGALTQSVGGDSSADRLFPPQWICCDIRYLDVSILGKFAVVMADPPWDIHMELPYGTLTDDEM
RRLNIPVLQDDGFLFLWVTGRAMELGRECLNLWGYERVDEIIWVKTNQLQRIIRTGRTGHWLNHGKEHCLVGVKGNPQGF
NQGLDCDVIVAEVRSTSHKPDEIYGMIERLSPGTRKIELFGRPHNVQPNWITLGNQLDGIHLLDPDVVARFKQRYPDGII
SKPKNL
;
A
2 'polypeptide(L)'
;MLKGTQSLNPHNDYCQHFVDTGHRPQNFIRDVGLADRFEEYPKLRELIRLKDELIAKSNTPPMYLQADIEAFDIRELTPK
FDVILLEPPLEEYYRETGITANEKCWTWDDIMKLEIDEIAAPRSFIFLWCGSGEGLDLGRVCLRKWGYRRCEDICWIKTN
KNNPGKTKTLDPKAVFQRTKEHCLMGIKGTVKRSTDGDFIHANVDIDLIITEEPEIGNIEKPVEIFHIIEHFCLGRRRLH
LFGRDSTIRPGWLTVGPTLTNSNYNAETYASYFSAPNSYLTGCTEEIERL
;
B
#
# COMPACT_ATOMS: atom_id res chain seq x y z
N LEU A 34 16.27 12.32 -27.26
CA LEU A 34 15.95 11.88 -28.61
C LEU A 34 14.91 10.79 -28.66
N PHE A 35 13.83 11.14 -29.33
CA PHE A 35 12.53 10.56 -28.99
C PHE A 35 12.45 9.05 -29.15
N PRO A 36 13.03 8.39 -30.17
CA PRO A 36 12.76 6.95 -30.36
C PRO A 36 13.33 6.11 -29.22
N PRO A 37 12.84 4.88 -29.06
CA PRO A 37 13.31 4.03 -27.95
C PRO A 37 14.82 3.79 -28.00
N GLN A 38 15.44 3.75 -26.82
CA GLN A 38 16.85 3.45 -26.67
C GLN A 38 17.00 2.45 -25.53
N TRP A 39 18.05 1.63 -25.58
CA TRP A 39 18.27 0.69 -24.50
C TRP A 39 19.73 0.29 -24.43
N ILE A 40 20.10 -0.30 -23.29
CA ILE A 40 21.45 -0.81 -23.05
C ILE A 40 21.29 -2.13 -22.34
N CYS A 41 21.72 -3.22 -22.99
CA CYS A 41 21.89 -4.46 -22.27
C CYS A 41 23.07 -4.33 -21.32
N CYS A 42 22.85 -4.57 -20.03
CA CYS A 42 23.92 -4.41 -19.07
C CYS A 42 23.50 -5.03 -17.75
N ASP A 43 24.50 -5.30 -16.92
CA ASP A 43 24.30 -5.55 -15.50
C ASP A 43 24.20 -4.18 -14.83
N ILE A 44 23.01 -3.86 -14.29
CA ILE A 44 22.80 -2.53 -13.76
C ILE A 44 23.67 -2.29 -12.53
N ARG A 45 24.14 -3.36 -11.88
CA ARG A 45 25.08 -3.19 -10.77
C ARG A 45 26.36 -2.51 -11.23
N TYR A 46 26.75 -2.70 -12.49
CA TYR A 46 28.08 -2.32 -12.95
C TYR A 46 28.10 -1.18 -13.95
N LEU A 47 27.00 -0.93 -14.67
CA LEU A 47 26.99 0.19 -15.60
C LEU A 47 27.29 1.49 -14.86
N ASP A 48 28.12 2.32 -15.46
CA ASP A 48 28.34 3.68 -15.00
C ASP A 48 27.19 4.54 -15.51
N VAL A 49 26.17 4.74 -14.68
CA VAL A 49 24.99 5.48 -15.12
C VAL A 49 25.23 6.98 -15.18
N SER A 50 26.38 7.47 -14.72
CA SER A 50 26.65 8.90 -14.83
C SER A 50 26.77 9.35 -16.28
N ILE A 51 26.93 8.42 -17.23
CA ILE A 51 27.00 8.82 -18.64
C ILE A 51 25.65 9.09 -19.27
N LEU A 52 24.55 8.79 -18.57
CA LEU A 52 23.22 8.87 -19.17
C LEU A 52 22.55 10.23 -19.03
N GLY A 53 23.12 11.13 -18.23
CA GLY A 53 22.50 12.42 -18.02
C GLY A 53 21.42 12.36 -16.95
N LYS A 54 20.55 13.39 -16.97
CA LYS A 54 19.51 13.59 -15.97
C LYS A 54 18.14 13.34 -16.59
N PHE A 55 17.20 12.86 -15.77
CA PHE A 55 15.91 12.40 -16.25
C PHE A 55 14.78 13.00 -15.42
N ALA A 56 13.69 13.35 -16.11
CA ALA A 56 12.51 13.84 -15.40
C ALA A 56 11.85 12.73 -14.59
N VAL A 57 11.88 11.49 -15.08
CA VAL A 57 11.24 10.36 -14.40
C VAL A 57 12.17 9.17 -14.48
N VAL A 58 12.32 8.46 -13.36
CA VAL A 58 12.96 7.15 -13.28
C VAL A 58 11.88 6.14 -12.93
N MET A 59 11.92 4.98 -13.57
CA MET A 59 11.13 3.84 -13.13
C MET A 59 12.02 2.63 -12.92
N ALA A 60 11.77 1.90 -11.84
CA ALA A 60 12.50 0.68 -11.56
C ALA A 60 11.55 -0.41 -11.12
N ASP A 61 11.77 -1.61 -11.64
CA ASP A 61 11.04 -2.80 -11.24
C ASP A 61 12.08 -3.84 -10.84
N PRO A 62 12.65 -3.71 -9.65
CA PRO A 62 13.89 -4.45 -9.33
C PRO A 62 13.63 -5.91 -9.04
N PRO A 63 14.59 -6.77 -9.30
CA PRO A 63 14.55 -8.17 -8.84
C PRO A 63 14.96 -8.24 -7.37
N TRP A 64 14.04 -7.82 -6.52
CA TRP A 64 14.24 -7.86 -5.08
C TRP A 64 14.52 -9.29 -4.61
N ASP A 65 15.28 -9.39 -3.51
CA ASP A 65 15.66 -10.67 -2.91
C ASP A 65 14.62 -11.09 -1.86
N ILE A 66 13.51 -11.63 -2.34
CA ILE A 66 12.36 -11.91 -1.46
C ILE A 66 11.95 -13.38 -1.48
N LEU A 70 19.69 -16.94 -4.44
CA LEU A 70 18.34 -16.54 -4.79
C LEU A 70 18.18 -16.57 -6.34
N PRO A 71 16.91 -16.47 -6.86
CA PRO A 71 16.68 -16.60 -8.31
C PRO A 71 17.62 -15.77 -9.19
N TYR A 72 17.77 -16.19 -10.45
CA TYR A 72 18.75 -15.59 -11.34
C TYR A 72 18.43 -14.12 -11.58
N GLY A 73 19.44 -13.26 -11.42
CA GLY A 73 19.30 -11.83 -11.63
C GLY A 73 18.99 -11.04 -10.39
N THR A 74 18.66 -11.71 -9.28
CA THR A 74 18.34 -11.04 -8.03
C THR A 74 19.49 -10.15 -7.57
N LEU A 75 19.15 -9.00 -7.00
CA LEU A 75 20.12 -8.17 -6.28
C LEU A 75 19.90 -8.30 -4.78
N THR A 76 20.98 -8.39 -4.02
CA THR A 76 20.85 -8.38 -2.58
C THR A 76 20.40 -7.01 -2.12
N ASP A 77 19.93 -6.95 -0.87
CA ASP A 77 19.51 -5.67 -0.31
C ASP A 77 20.64 -4.64 -0.37
N ASP A 78 21.88 -5.08 -0.14
CA ASP A 78 22.99 -4.14 -0.18
C ASP A 78 23.24 -3.65 -1.60
N GLU A 79 23.19 -4.56 -2.58
CA GLU A 79 23.34 -4.15 -3.97
C GLU A 79 22.27 -3.14 -4.37
N MET A 80 21.04 -3.33 -3.89
CA MET A 80 19.97 -2.38 -4.16
C MET A 80 20.28 -1.02 -3.55
N ARG A 81 20.71 -1.02 -2.27
CA ARG A 81 21.04 0.22 -1.59
C ARG A 81 22.12 1.00 -2.33
N ARG A 82 23.11 0.27 -2.89
CA ARG A 82 24.27 0.89 -3.50
C ARG A 82 24.04 1.37 -4.93
N LEU A 83 22.90 1.08 -5.54
CA LEU A 83 22.65 1.56 -6.90
C LEU A 83 22.82 3.07 -6.95
N ASN A 84 23.48 3.56 -8.00
CA ASN A 84 23.75 5.00 -8.07
C ASN A 84 22.55 5.74 -8.62
N ILE A 85 21.36 5.46 -8.05
CA ILE A 85 20.17 6.24 -8.41
C ILE A 85 20.38 7.74 -8.22
N PRO A 86 21.09 8.22 -7.19
CA PRO A 86 21.13 9.67 -6.98
C PRO A 86 21.66 10.50 -8.14
N VAL A 87 22.51 9.94 -9.02
CA VAL A 87 23.05 10.75 -10.12
C VAL A 87 22.05 10.93 -11.26
N LEU A 88 20.94 10.20 -11.24
CA LEU A 88 20.03 10.16 -12.39
C LEU A 88 19.07 11.32 -12.48
N GLN A 89 18.82 12.04 -11.39
CA GLN A 89 17.88 13.16 -11.43
C GLN A 89 18.34 14.28 -10.52
N ASP A 90 17.94 15.50 -10.86
CA ASP A 90 18.02 16.62 -9.94
C ASP A 90 16.64 16.99 -9.40
N ASP A 91 15.64 17.09 -10.27
CA ASP A 91 14.27 17.35 -9.87
C ASP A 91 13.33 16.46 -10.67
N GLY A 92 12.61 15.57 -10.00
CA GLY A 92 11.63 14.77 -10.72
C GLY A 92 11.15 13.62 -9.85
N PHE A 93 10.58 12.62 -10.51
CA PHE A 93 9.83 11.58 -9.81
C PHE A 93 10.44 10.22 -10.10
N LEU A 94 10.32 9.34 -9.11
CA LEU A 94 10.80 7.97 -9.16
C LEU A 94 9.60 7.06 -8.96
N PHE A 95 9.44 6.06 -9.83
CA PHE A 95 8.38 5.07 -9.73
C PHE A 95 9.02 3.73 -9.40
N LEU A 96 8.69 3.16 -8.23
CA LEU A 96 9.40 1.97 -7.72
C LEU A 96 8.42 0.85 -7.41
N TRP A 97 8.45 -0.21 -8.23
CA TRP A 97 7.54 -1.34 -8.02
C TRP A 97 8.05 -2.17 -6.85
N VAL A 98 7.14 -2.57 -5.96
CA VAL A 98 7.47 -3.30 -4.73
C VAL A 98 6.43 -4.39 -4.48
N THR A 99 6.86 -5.42 -3.74
CA THR A 99 5.99 -6.51 -3.31
C THR A 99 6.62 -7.14 -2.09
N GLY A 100 5.80 -7.83 -1.29
CA GLY A 100 6.33 -8.55 -0.13
C GLY A 100 7.12 -7.64 0.78
N ARG A 101 8.27 -8.13 1.26
CA ARG A 101 9.01 -7.28 2.17
C ARG A 101 9.69 -6.10 1.46
N ALA A 102 9.67 -6.05 0.12
CA ALA A 102 10.18 -4.84 -0.53
C ALA A 102 9.21 -3.68 -0.43
N MET A 103 7.98 -3.88 0.06
CA MET A 103 7.18 -2.73 0.44
C MET A 103 7.91 -1.88 1.46
N GLU A 104 8.63 -2.54 2.37
CA GLU A 104 9.43 -1.81 3.36
C GLU A 104 10.85 -1.51 2.83
N LEU A 105 11.51 -2.50 2.24
CA LEU A 105 12.86 -2.25 1.74
C LEU A 105 12.86 -1.22 0.63
N GLY A 106 11.83 -1.21 -0.21
CA GLY A 106 11.76 -0.18 -1.25
C GLY A 106 11.60 1.21 -0.67
N ARG A 107 10.88 1.32 0.46
CA ARG A 107 10.82 2.62 1.13
C ARG A 107 12.19 3.05 1.65
N GLU A 108 12.94 2.09 2.21
CA GLU A 108 14.29 2.37 2.67
C GLU A 108 15.16 2.86 1.50
N CYS A 109 15.12 2.15 0.38
CA CYS A 109 15.94 2.56 -0.77
C CYS A 109 15.54 3.93 -1.26
N LEU A 110 14.24 4.15 -1.43
CA LEU A 110 13.76 5.43 -1.91
C LEU A 110 14.30 6.56 -1.04
N ASN A 111 14.25 6.38 0.28
CA ASN A 111 14.73 7.45 1.18
C ASN A 111 16.26 7.54 1.13
N LEU A 112 16.96 6.40 1.12
CA LEU A 112 18.41 6.45 1.04
C LEU A 112 18.88 7.14 -0.23
N TRP A 113 18.18 6.90 -1.34
CA TRP A 113 18.55 7.53 -2.60
C TRP A 113 18.17 8.99 -2.67
N GLY A 114 17.52 9.54 -1.64
CA GLY A 114 17.20 10.96 -1.64
C GLY A 114 15.79 11.32 -2.04
N TYR A 115 14.85 10.38 -2.01
CA TYR A 115 13.47 10.68 -2.38
C TYR A 115 12.56 10.66 -1.16
N GLU A 116 11.49 11.44 -1.23
CA GLU A 116 10.38 11.32 -0.29
C GLU A 116 9.23 10.61 -1.01
N ARG A 117 8.59 9.63 -0.35
CA ARG A 117 7.47 8.94 -0.99
C ARG A 117 6.22 9.81 -0.86
N VAL A 118 5.60 10.17 -1.99
CA VAL A 118 4.48 11.11 -1.99
C VAL A 118 3.20 10.55 -2.63
N ASP A 119 3.21 9.33 -3.14
CA ASP A 119 2.07 8.57 -3.67
C ASP A 119 2.41 7.11 -3.74
N GLU A 120 1.35 6.31 -3.92
CA GLU A 120 1.51 4.88 -4.06
C GLU A 120 0.42 4.44 -5.03
N ILE A 121 0.82 4.03 -6.21
CA ILE A 121 -0.11 3.56 -7.23
C ILE A 121 -0.41 2.10 -6.95
N ILE A 122 -1.65 1.69 -7.09
CA ILE A 122 -1.91 0.26 -7.13
C ILE A 122 -2.54 -0.11 -8.46
N TRP A 123 -2.11 -1.25 -8.97
CA TRP A 123 -2.66 -1.84 -10.18
C TRP A 123 -3.58 -2.98 -9.76
N VAL A 124 -4.88 -2.77 -9.91
CA VAL A 124 -5.86 -3.85 -9.69
C VAL A 124 -5.85 -4.75 -10.91
N LYS A 125 -5.54 -6.02 -10.71
CA LYS A 125 -5.35 -6.99 -11.79
C LYS A 125 -6.68 -7.60 -12.16
N THR A 126 -7.06 -7.51 -13.45
CA THR A 126 -8.31 -8.09 -13.93
C THR A 126 -8.06 -9.03 -15.11
N ASN A 127 -9.07 -9.85 -15.42
CA ASN A 127 -9.07 -10.62 -16.66
C ASN A 127 -9.67 -9.77 -17.78
N GLN A 128 -9.86 -10.38 -18.96
CA GLN A 128 -10.38 -9.65 -20.10
C GLN A 128 -11.83 -9.20 -19.91
N LEU A 129 -12.53 -9.72 -18.91
CA LEU A 129 -13.90 -9.32 -18.59
C LEU A 129 -13.99 -8.43 -17.34
N GLN A 130 -12.87 -7.83 -16.91
CA GLN A 130 -12.85 -6.83 -15.82
C GLN A 130 -13.26 -7.42 -14.46
N ARG A 131 -12.79 -8.63 -14.18
CA ARG A 131 -12.95 -9.20 -12.85
C ARG A 131 -11.58 -9.44 -12.24
N ILE A 132 -11.50 -9.25 -10.93
CA ILE A 132 -10.22 -9.34 -10.23
C ILE A 132 -9.71 -10.77 -10.27
N ILE A 133 -8.45 -10.94 -10.70
CA ILE A 133 -7.76 -12.22 -10.64
C ILE A 133 -7.67 -12.72 -9.20
N HIS A 140 -0.21 -14.38 1.87
CA HIS A 140 -0.37 -15.57 2.70
C HIS A 140 -1.68 -15.56 3.49
N TRP A 141 -1.99 -14.44 4.12
CA TRP A 141 -3.26 -14.34 4.85
C TRP A 141 -4.42 -14.00 3.92
N LEU A 142 -4.14 -13.29 2.84
CA LEU A 142 -5.15 -12.84 1.90
C LEU A 142 -4.69 -13.15 0.49
N ASN A 143 -5.63 -13.41 -0.40
CA ASN A 143 -5.29 -13.36 -1.81
C ASN A 143 -4.99 -11.93 -2.24
N HIS A 144 -4.11 -11.81 -3.22
CA HIS A 144 -3.56 -10.53 -3.65
C HIS A 144 -4.20 -10.12 -4.96
N GLY A 145 -4.99 -9.05 -4.94
CA GLY A 145 -5.59 -8.56 -6.15
C GLY A 145 -4.84 -7.45 -6.83
N LYS A 146 -3.70 -7.02 -6.30
CA LYS A 146 -3.07 -5.80 -6.78
C LYS A 146 -1.56 -5.93 -6.74
N GLU A 147 -0.90 -5.03 -7.47
CA GLU A 147 0.54 -4.77 -7.35
C GLU A 147 0.72 -3.31 -6.97
N HIS A 148 1.84 -3.01 -6.33
CA HIS A 148 2.10 -1.69 -5.77
C HIS A 148 3.29 -1.02 -6.44
N CYS A 149 3.18 0.29 -6.66
CA CYS A 149 4.27 1.09 -7.20
C CYS A 149 4.41 2.36 -6.36
N LEU A 150 5.49 2.47 -5.60
CA LEU A 150 5.75 3.69 -4.84
C LEU A 150 6.11 4.83 -5.78
N VAL A 151 5.75 6.05 -5.38
CA VAL A 151 6.07 7.25 -6.15
C VAL A 151 6.87 8.17 -5.24
N GLY A 152 8.13 8.42 -5.60
CA GLY A 152 8.99 9.28 -4.83
C GLY A 152 9.30 10.56 -5.58
N VAL A 153 9.58 11.63 -4.82
CA VAL A 153 9.94 12.90 -5.42
C VAL A 153 11.30 13.32 -4.87
N LYS A 154 12.12 13.86 -5.76
CA LYS A 154 13.43 14.41 -5.44
C LYS A 154 13.47 15.86 -5.93
N GLY A 155 14.05 16.73 -5.11
CA GLY A 155 14.11 18.12 -5.49
C GLY A 155 12.72 18.72 -5.48
N ASN A 156 12.47 19.64 -6.40
CA ASN A 156 11.19 20.34 -6.43
C ASN A 156 10.79 20.50 -7.89
N PRO A 157 10.17 19.48 -8.46
CA PRO A 157 9.91 19.50 -9.90
C PRO A 157 8.93 20.59 -10.30
N GLN A 158 9.19 21.20 -11.44
CA GLN A 158 8.38 22.29 -11.96
C GLN A 158 7.86 21.93 -13.34
N GLY A 159 6.61 22.29 -13.60
CA GLY A 159 6.03 22.08 -14.92
C GLY A 159 5.49 20.70 -15.17
N PHE A 160 5.30 19.91 -14.13
CA PHE A 160 4.67 18.62 -14.27
C PHE A 160 3.16 18.80 -14.11
N ASN A 161 2.40 17.85 -14.65
CA ASN A 161 0.94 17.92 -14.64
C ASN A 161 0.38 17.01 -13.56
N GLN A 162 0.58 17.43 -12.31
CA GLN A 162 0.19 16.59 -11.19
C GLN A 162 -1.32 16.62 -11.02
N GLY A 163 -1.90 15.45 -10.70
CA GLY A 163 -3.32 15.35 -10.45
C GLY A 163 -4.17 15.06 -11.66
N LEU A 164 -3.58 14.82 -12.83
CA LEU A 164 -4.35 14.45 -14.01
C LEU A 164 -4.90 13.04 -13.89
N ASP A 165 -4.10 12.10 -13.42
CA ASP A 165 -4.52 10.72 -13.27
C ASP A 165 -4.75 10.37 -11.80
N CYS A 166 -5.47 9.29 -11.58
CA CYS A 166 -5.61 8.85 -10.21
CA CYS A 166 -5.76 8.65 -10.30
C CYS A 166 -4.63 7.70 -9.92
N ASP A 167 -4.59 7.33 -8.64
CA ASP A 167 -3.58 6.39 -8.17
C ASP A 167 -4.04 4.94 -8.21
N VAL A 168 -5.10 4.61 -8.95
CA VAL A 168 -5.54 3.23 -9.14
C VAL A 168 -5.54 2.91 -10.63
N ILE A 169 -4.83 1.84 -11.02
CA ILE A 169 -4.85 1.31 -12.40
C ILE A 169 -5.72 0.07 -12.38
N VAL A 170 -6.61 -0.06 -13.37
CA VAL A 170 -7.42 -1.27 -13.56
C VAL A 170 -7.08 -1.78 -14.94
N ALA A 171 -6.43 -2.94 -15.01
CA ALA A 171 -5.97 -3.40 -16.32
C ALA A 171 -5.74 -4.90 -16.30
N GLU A 172 -5.75 -5.47 -17.50
CA GLU A 172 -5.62 -6.90 -17.70
C GLU A 172 -4.18 -7.33 -17.48
N VAL A 173 -4.00 -8.51 -16.91
CA VAL A 173 -2.68 -9.14 -16.89
C VAL A 173 -2.34 -9.55 -18.32
N ARG A 174 -1.67 -8.67 -19.07
CA ARG A 174 -1.24 -8.99 -20.44
C ARG A 174 0.16 -9.59 -20.38
N SER A 175 0.20 -10.91 -20.16
CA SER A 175 1.39 -11.74 -20.00
C SER A 175 1.98 -11.61 -18.60
N THR A 176 2.19 -12.74 -17.93
CA THR A 176 2.61 -12.75 -16.54
C THR A 176 3.95 -12.03 -16.37
N SER A 177 4.13 -11.44 -15.18
CA SER A 177 5.31 -10.71 -14.75
C SER A 177 5.49 -9.35 -15.44
N HIS A 178 4.60 -8.94 -16.35
CA HIS A 178 4.73 -7.62 -16.96
C HIS A 178 4.00 -6.59 -16.10
N LYS A 179 4.53 -5.36 -16.08
CA LYS A 179 3.77 -4.24 -15.56
C LYS A 179 2.78 -3.77 -16.60
N PRO A 180 1.68 -3.13 -16.21
CA PRO A 180 0.68 -2.70 -17.19
C PRO A 180 1.17 -1.52 -18.01
N ASP A 181 0.85 -1.52 -19.31
CA ASP A 181 1.31 -0.45 -20.19
C ASP A 181 0.74 0.90 -19.79
N GLU A 182 -0.37 0.90 -19.04
CA GLU A 182 -1.00 2.14 -18.61
C GLU A 182 -0.02 3.06 -17.89
N ILE A 183 0.97 2.50 -17.18
CA ILE A 183 1.87 3.33 -16.38
C ILE A 183 2.66 4.29 -17.26
N TYR A 184 3.02 3.87 -18.48
CA TYR A 184 3.76 4.78 -19.36
C TYR A 184 2.87 5.95 -19.79
N GLY A 185 1.58 5.67 -20.01
CA GLY A 185 0.66 6.75 -20.34
C GLY A 185 0.53 7.76 -19.21
N MET A 186 0.31 7.26 -17.97
CA MET A 186 0.21 8.20 -16.85
C MET A 186 1.50 8.99 -16.69
N ILE A 187 2.64 8.35 -16.92
CA ILE A 187 3.90 9.07 -16.76
C ILE A 187 4.07 10.11 -17.86
N GLU A 188 3.61 9.79 -19.07
CA GLU A 188 3.73 10.75 -20.17
C GLU A 188 2.81 11.94 -19.99
N ARG A 189 1.60 11.72 -19.48
CA ARG A 189 0.73 12.87 -19.23
C ARG A 189 1.27 13.71 -18.09
N LEU A 190 1.90 13.05 -17.11
CA LEU A 190 2.50 13.77 -16.00
C LEU A 190 3.64 14.65 -16.46
N SER A 191 4.45 14.17 -17.41
CA SER A 191 5.68 14.86 -17.79
C SER A 191 5.91 14.64 -19.29
N PRO A 192 5.13 15.33 -20.12
CA PRO A 192 5.17 15.04 -21.55
C PRO A 192 6.47 15.49 -22.20
N GLY A 193 7.01 14.62 -23.07
CA GLY A 193 8.13 14.94 -23.92
C GLY A 193 9.50 14.90 -23.26
N THR A 194 9.57 14.68 -21.94
CA THR A 194 10.83 14.71 -21.22
C THR A 194 11.55 13.36 -21.31
N ARG A 195 12.84 13.35 -20.97
CA ARG A 195 13.62 12.13 -20.95
C ARG A 195 13.31 11.29 -19.72
N LYS A 196 13.19 9.98 -19.92
CA LYS A 196 12.88 9.04 -18.86
C LYS A 196 13.80 7.84 -18.95
N ILE A 197 14.03 7.19 -17.81
CA ILE A 197 14.89 6.03 -17.79
C ILE A 197 14.22 4.92 -16.98
N GLU A 198 14.23 3.71 -17.53
CA GLU A 198 13.69 2.54 -16.87
C GLU A 198 14.81 1.55 -16.53
N LEU A 199 14.86 1.13 -15.27
CA LEU A 199 15.81 0.14 -14.79
C LEU A 199 15.15 -1.21 -14.61
N PHE A 200 15.84 -2.27 -15.01
CA PHE A 200 15.37 -3.66 -14.95
C PHE A 200 14.16 -3.88 -15.85
N GLY A 201 14.13 -3.18 -17.00
CA GLY A 201 13.13 -3.42 -18.00
C GLY A 201 13.53 -4.57 -18.95
N ARG A 202 12.57 -4.94 -19.80
CA ARG A 202 12.74 -5.99 -20.79
C ARG A 202 12.39 -5.43 -22.18
N PRO A 203 12.67 -6.17 -23.26
CA PRO A 203 12.40 -5.61 -24.60
C PRO A 203 11.01 -5.06 -24.78
N HIS A 204 9.97 -5.70 -24.21
CA HIS A 204 8.62 -5.19 -24.38
C HIS A 204 8.45 -3.82 -23.74
N ASN A 205 9.39 -3.38 -22.90
CA ASN A 205 9.25 -2.13 -22.18
C ASN A 205 9.78 -0.93 -22.93
N VAL A 206 10.55 -1.12 -24.00
CA VAL A 206 11.16 0.03 -24.66
C VAL A 206 10.06 0.91 -25.25
N GLN A 207 10.24 2.22 -25.15
CA GLN A 207 9.23 3.23 -25.39
C GLN A 207 9.92 4.47 -25.90
N PRO A 208 9.24 5.31 -26.69
CA PRO A 208 9.82 6.62 -27.03
C PRO A 208 10.00 7.48 -25.78
N ASN A 209 11.01 8.35 -25.82
CA ASN A 209 11.42 9.20 -24.71
C ASN A 209 12.07 8.42 -23.57
N TRP A 210 12.12 7.09 -23.63
CA TRP A 210 12.69 6.26 -22.57
C TRP A 210 14.01 5.63 -23.01
N ILE A 211 14.95 5.55 -22.07
CA ILE A 211 16.11 4.66 -22.17
C ILE A 211 15.88 3.52 -21.21
N THR A 212 15.95 2.28 -21.72
CA THR A 212 15.66 1.08 -20.94
C THR A 212 16.95 0.34 -20.63
N LEU A 213 17.14 -0.03 -19.37
CA LEU A 213 18.30 -0.81 -18.94
C LEU A 213 17.82 -2.14 -18.36
N GLY A 214 18.56 -3.21 -18.68
CA GLY A 214 18.25 -4.54 -18.26
C GLY A 214 19.19 -5.53 -18.93
N ASN A 215 19.42 -6.69 -18.32
CA ASN A 215 20.38 -7.64 -18.87
C ASN A 215 19.78 -8.63 -19.86
N GLN A 216 18.50 -8.47 -20.21
CA GLN A 216 17.87 -9.28 -21.24
C GLN A 216 17.49 -8.47 -22.46
N LEU A 217 17.96 -7.23 -22.56
CA LEU A 217 17.80 -6.47 -23.78
C LEU A 217 18.81 -6.97 -24.81
N ASP A 218 18.52 -6.64 -26.07
CA ASP A 218 19.32 -7.10 -27.19
C ASP A 218 20.33 -6.00 -27.53
N GLY A 219 21.53 -6.12 -26.96
CA GLY A 219 22.59 -5.21 -27.33
C GLY A 219 22.43 -3.81 -26.78
N ILE A 220 23.01 -2.85 -27.50
CA ILE A 220 23.04 -1.46 -27.08
C ILE A 220 22.56 -0.62 -28.24
N HIS A 221 21.52 0.19 -28.01
CA HIS A 221 20.87 0.97 -29.06
C HIS A 221 20.69 2.39 -28.52
N LEU A 222 21.62 3.28 -28.87
CA LEU A 222 21.66 4.64 -28.37
C LEU A 222 21.63 5.60 -29.55
N LEU A 223 20.78 6.62 -29.45
CA LEU A 223 20.52 7.57 -30.52
C LEU A 223 20.77 9.02 -30.12
N ASP A 224 20.62 9.33 -28.83
CA ASP A 224 20.95 10.64 -28.27
C ASP A 224 22.45 10.92 -28.40
N PRO A 225 22.86 11.99 -29.11
CA PRO A 225 24.30 12.25 -29.29
C PRO A 225 25.04 12.52 -28.00
N ASP A 226 24.42 13.22 -27.03
CA ASP A 226 25.07 13.41 -25.73
C ASP A 226 25.39 12.06 -25.09
N VAL A 227 24.43 11.13 -25.12
CA VAL A 227 24.65 9.83 -24.50
C VAL A 227 25.66 9.02 -25.31
N VAL A 228 25.51 9.02 -26.64
CA VAL A 228 26.45 8.30 -27.51
C VAL A 228 27.87 8.77 -27.27
N ALA A 229 28.07 10.09 -27.20
CA ALA A 229 29.40 10.65 -26.97
C ALA A 229 29.97 10.16 -25.64
N ARG A 230 29.20 10.31 -24.56
CA ARG A 230 29.72 9.91 -23.25
C ARG A 230 29.88 8.39 -23.15
N PHE A 231 29.07 7.64 -23.89
CA PHE A 231 29.22 6.19 -23.87
C PHE A 231 30.53 5.75 -24.52
N LYS A 232 30.83 6.25 -25.72
CA LYS A 232 32.11 5.86 -26.35
C LYS A 232 33.30 6.29 -25.49
N GLN A 233 33.24 7.51 -24.92
CA GLN A 233 34.32 7.97 -24.05
C GLN A 233 34.53 7.03 -22.87
N ARG A 234 33.43 6.62 -22.22
CA ARG A 234 33.49 5.76 -21.05
C ARG A 234 33.76 4.31 -21.41
N TYR A 235 33.22 3.85 -22.53
CA TYR A 235 33.32 2.45 -22.95
C TYR A 235 33.88 2.38 -24.37
N PRO A 236 35.18 2.71 -24.59
CA PRO A 236 35.71 2.76 -25.97
C PRO A 236 35.55 1.45 -26.75
N ASP A 237 35.67 0.31 -26.08
CA ASP A 237 35.53 -0.99 -26.72
C ASP A 237 34.18 -1.66 -26.43
N GLY A 238 33.17 -0.87 -26.07
CA GLY A 238 31.80 -1.38 -25.95
C GLY A 238 31.55 -2.35 -24.83
N ILE A 239 32.51 -2.60 -23.95
CA ILE A 239 32.38 -3.59 -22.90
C ILE A 239 32.12 -2.89 -21.58
N ILE A 240 31.23 -3.48 -20.77
CA ILE A 240 30.78 -2.88 -19.51
C ILE A 240 31.04 -3.92 -18.42
N SER A 241 32.22 -3.83 -17.78
CA SER A 241 32.63 -4.79 -16.78
C SER A 241 32.84 -4.11 -15.43
N LYS A 242 32.97 -4.93 -14.39
CA LYS A 242 33.38 -4.52 -13.05
C LYS A 242 32.77 -3.20 -12.57
N ASN B 12 -9.18 -1.47 -23.47
CA ASN B 12 -9.24 -0.02 -23.32
C ASN B 12 -8.38 0.44 -22.13
N ASP B 13 -7.92 1.69 -22.21
CA ASP B 13 -7.09 2.31 -21.18
C ASP B 13 -8.02 3.08 -20.23
N TYR B 14 -8.28 2.52 -19.04
CA TYR B 14 -9.17 3.23 -18.12
C TYR B 14 -8.50 4.44 -17.49
N CYS B 15 -7.17 4.53 -17.51
CA CYS B 15 -6.50 5.74 -17.02
C CYS B 15 -6.79 6.91 -17.96
N GLN B 16 -6.53 6.73 -19.25
CA GLN B 16 -6.93 7.73 -20.23
C GLN B 16 -8.41 8.06 -20.11
N HIS B 17 -9.25 7.02 -19.97
CA HIS B 17 -10.68 7.25 -19.80
C HIS B 17 -10.96 8.16 -18.60
N PHE B 18 -10.29 7.92 -17.47
CA PHE B 18 -10.49 8.82 -16.32
C PHE B 18 -10.09 10.24 -16.66
N VAL B 19 -8.98 10.40 -17.38
CA VAL B 19 -8.57 11.74 -17.79
C VAL B 19 -9.64 12.37 -18.66
N ASP B 20 -10.28 11.57 -19.52
CA ASP B 20 -11.25 12.11 -20.46
C ASP B 20 -12.59 12.40 -19.82
N THR B 21 -13.02 11.60 -18.84
CA THR B 21 -14.40 11.63 -18.35
C THR B 21 -14.55 11.86 -16.86
N GLY B 22 -13.49 11.73 -16.06
CA GLY B 22 -13.63 11.84 -14.61
C GLY B 22 -14.14 10.60 -13.91
N HIS B 23 -14.47 9.53 -14.65
CA HIS B 23 -14.81 8.24 -14.04
C HIS B 23 -13.54 7.47 -13.66
N ARG B 24 -13.37 7.19 -12.36
CA ARG B 24 -12.20 6.46 -11.91
C ARG B 24 -12.15 5.07 -12.52
N PRO B 25 -10.95 4.55 -12.81
CA PRO B 25 -10.84 3.20 -13.38
C PRO B 25 -11.55 2.13 -12.56
N GLN B 26 -11.63 2.29 -11.22
CA GLN B 26 -12.27 1.28 -10.40
C GLN B 26 -13.78 1.24 -10.62
N ASN B 27 -14.37 2.28 -11.20
CA ASN B 27 -15.79 2.24 -11.53
C ASN B 27 -16.15 1.08 -12.45
N PHE B 28 -15.17 0.51 -13.17
CA PHE B 28 -15.45 -0.51 -14.18
C PHE B 28 -15.04 -1.91 -13.77
N ILE B 29 -14.55 -2.10 -12.55
CA ILE B 29 -14.43 -3.44 -12.02
C ILE B 29 -15.83 -4.02 -11.85
N ARG B 30 -16.03 -5.25 -12.30
CA ARG B 30 -17.32 -5.90 -12.20
C ARG B 30 -17.36 -6.90 -11.06
N ASP B 31 -18.57 -7.17 -10.57
CA ASP B 31 -18.83 -8.20 -9.57
C ASP B 31 -18.11 -7.88 -8.25
N VAL B 32 -18.23 -6.63 -7.82
CA VAL B 32 -17.61 -6.18 -6.57
C VAL B 32 -18.19 -4.83 -6.16
N LEU B 47 -19.93 -20.61 -0.10
CA LEU B 47 -20.11 -21.68 0.88
C LEU B 47 -19.50 -21.30 2.23
N ILE B 48 -19.32 -19.99 2.44
CA ILE B 48 -18.77 -19.48 3.69
C ILE B 48 -19.81 -19.24 4.76
N ARG B 49 -21.10 -19.38 4.43
CA ARG B 49 -22.14 -18.92 5.34
C ARG B 49 -22.08 -19.61 6.70
N LEU B 50 -21.75 -20.91 6.71
CA LEU B 50 -21.68 -21.63 7.97
C LEU B 50 -20.57 -21.10 8.86
N LYS B 51 -19.48 -20.61 8.25
CA LYS B 51 -18.39 -20.03 9.03
C LYS B 51 -18.78 -18.68 9.61
N ASP B 52 -19.50 -17.85 8.84
CA ASP B 52 -20.06 -16.64 9.39
C ASP B 52 -20.99 -16.96 10.56
N GLU B 53 -21.77 -18.05 10.44
CA GLU B 53 -22.65 -18.44 11.53
C GLU B 53 -21.86 -18.86 12.76
N LEU B 54 -20.74 -19.56 12.57
CA LEU B 54 -19.90 -19.94 13.69
C LEU B 54 -19.31 -18.72 14.38
N ILE B 55 -18.82 -17.75 13.59
CA ILE B 55 -18.36 -16.49 14.14
C ILE B 55 -19.45 -15.84 14.98
N ALA B 56 -20.67 -15.78 14.43
CA ALA B 56 -21.76 -15.13 15.16
C ALA B 56 -22.08 -15.88 16.46
N LYS B 57 -21.98 -17.22 16.43
CA LYS B 57 -22.30 -17.99 17.63
C LYS B 57 -21.27 -17.74 18.73
N SER B 58 -20.00 -17.62 18.36
CA SER B 58 -18.97 -17.48 19.39
C SER B 58 -18.71 -16.04 19.78
N ASN B 59 -19.25 -15.06 19.04
CA ASN B 59 -19.06 -13.65 19.38
C ASN B 59 -19.45 -13.37 20.83
N THR B 60 -18.58 -12.65 21.54
CA THR B 60 -18.93 -12.09 22.82
C THR B 60 -20.01 -11.01 22.62
N PRO B 61 -20.76 -10.68 23.66
CA PRO B 61 -21.65 -9.52 23.60
C PRO B 61 -20.85 -8.29 23.20
N PRO B 62 -21.45 -7.35 22.47
CA PRO B 62 -20.74 -6.08 22.20
C PRO B 62 -20.41 -5.38 23.50
N MET B 63 -19.20 -4.82 23.59
CA MET B 63 -18.86 -4.07 24.77
C MET B 63 -18.15 -2.81 24.32
N TYR B 64 -18.27 -1.75 25.10
CA TYR B 64 -17.87 -0.45 24.57
C TYR B 64 -17.60 0.49 25.73
N LEU B 65 -16.68 1.42 25.51
CA LEU B 65 -16.25 2.34 26.57
C LEU B 65 -15.95 3.70 25.96
N GLN B 66 -16.62 4.72 26.46
CA GLN B 66 -16.24 6.08 26.14
C GLN B 66 -14.96 6.40 26.88
N ALA B 67 -13.96 6.91 26.17
CA ALA B 67 -12.70 7.24 26.81
C ALA B 67 -11.94 8.20 25.91
N ASP B 68 -11.37 9.22 26.51
CA ASP B 68 -10.50 10.14 25.78
C ASP B 68 -9.13 9.48 25.69
N ILE B 69 -8.85 8.87 24.54
CA ILE B 69 -7.68 8.01 24.37
C ILE B 69 -6.38 8.79 24.56
N GLU B 70 -6.38 10.11 24.34
CA GLU B 70 -5.15 10.87 24.58
C GLU B 70 -4.85 11.05 26.06
N ALA B 71 -5.87 10.95 26.93
CA ALA B 71 -5.71 11.19 28.36
C ALA B 71 -5.96 9.93 29.18
N PHE B 72 -6.12 8.79 28.54
CA PHE B 72 -6.63 7.58 29.16
C PHE B 72 -5.50 6.57 29.24
N ASP B 73 -5.35 5.93 30.39
CA ASP B 73 -4.30 4.94 30.57
C ASP B 73 -4.75 3.66 29.88
N ILE B 74 -4.21 3.43 28.69
CA ILE B 74 -4.63 2.29 27.87
C ILE B 74 -4.45 0.97 28.59
N ARG B 75 -3.53 0.90 29.56
CA ARG B 75 -3.36 -0.33 30.31
C ARG B 75 -4.60 -0.74 31.11
N GLU B 76 -5.57 0.16 31.31
CA GLU B 76 -6.79 -0.24 32.02
C GLU B 76 -7.64 -1.17 31.17
N LEU B 77 -7.29 -1.33 29.89
CA LEU B 77 -8.02 -2.20 28.98
C LEU B 77 -7.43 -3.60 29.09
N THR B 78 -8.15 -4.49 29.74
CA THR B 78 -7.71 -5.86 29.93
C THR B 78 -8.82 -6.81 29.51
N PRO B 79 -8.48 -8.05 29.14
CA PRO B 79 -7.11 -8.57 29.08
C PRO B 79 -6.42 -8.20 27.78
N LYS B 80 -5.25 -8.79 27.51
CA LYS B 80 -4.52 -8.46 26.30
C LYS B 80 -5.27 -8.99 25.08
N PHE B 81 -5.20 -8.23 23.99
CA PHE B 81 -6.06 -8.48 22.85
C PHE B 81 -5.41 -9.33 21.77
N ASP B 82 -6.24 -10.13 21.10
CA ASP B 82 -5.79 -10.94 19.99
C ASP B 82 -5.76 -10.14 18.70
N VAL B 83 -6.69 -9.20 18.57
CA VAL B 83 -6.80 -8.34 17.38
C VAL B 83 -7.06 -6.92 17.85
N ILE B 84 -6.35 -5.96 17.26
CA ILE B 84 -6.61 -4.55 17.51
C ILE B 84 -6.86 -3.90 16.16
N LEU B 85 -7.99 -3.21 16.05
CA LEU B 85 -8.33 -2.40 14.89
C LEU B 85 -8.19 -0.97 15.33
N LEU B 86 -7.30 -0.23 14.69
CA LEU B 86 -6.96 1.12 15.12
C LEU B 86 -7.29 2.12 14.04
N GLU B 87 -8.15 3.08 14.38
CA GLU B 87 -8.81 3.94 13.38
C GLU B 87 -8.68 5.40 13.80
N PRO B 88 -7.47 5.90 13.98
CA PRO B 88 -7.30 7.28 14.49
C PRO B 88 -7.87 8.29 13.52
N PRO B 89 -8.56 9.31 14.02
CA PRO B 89 -9.15 10.30 13.12
C PRO B 89 -8.11 11.26 12.52
N LEU B 90 -7.58 10.91 11.36
CA LEU B 90 -6.56 11.72 10.69
C LEU B 90 -7.15 13.01 10.11
N GLU B 91 -6.31 14.05 10.05
CA GLU B 91 -6.75 15.33 9.48
C GLU B 91 -7.19 15.16 8.02
N GLU B 92 -6.49 14.34 7.25
CA GLU B 92 -6.87 14.16 5.85
C GLU B 92 -8.29 13.63 5.68
N TYR B 93 -8.89 13.02 6.72
CA TYR B 93 -10.26 12.54 6.60
C TYR B 93 -11.27 13.68 6.53
N TYR B 94 -10.88 14.89 6.93
CA TYR B 94 -11.82 16.01 7.01
C TYR B 94 -11.48 17.02 5.91
N ARG B 95 -12.34 17.06 4.88
CA ARG B 95 -12.22 17.87 3.65
C ARG B 95 -11.08 18.90 3.64
N LYS B 104 -11.58 16.43 17.25
CA LYS B 104 -10.16 16.37 17.62
C LYS B 104 -9.38 15.45 16.69
N CYS B 105 -8.65 16.03 15.74
CA CYS B 105 -7.83 15.25 14.82
C CYS B 105 -6.56 14.75 15.50
N TRP B 106 -6.10 13.58 15.07
CA TRP B 106 -4.91 12.94 15.61
C TRP B 106 -3.80 12.99 14.57
N THR B 107 -2.63 13.46 14.97
CA THR B 107 -1.46 13.44 14.11
C THR B 107 -0.72 12.12 14.27
N TRP B 108 0.17 11.83 13.32
CA TRP B 108 0.96 10.62 13.49
C TRP B 108 1.89 10.74 14.68
N ASP B 109 2.22 11.97 15.09
CA ASP B 109 2.93 12.20 16.35
C ASP B 109 2.14 11.62 17.52
N ASP B 110 0.85 11.98 17.61
CA ASP B 110 -0.02 11.46 18.65
C ASP B 110 -0.13 9.93 18.58
N ILE B 111 -0.37 9.41 17.38
CA ILE B 111 -0.64 7.98 17.24
C ILE B 111 0.58 7.16 17.61
N MET B 112 1.75 7.58 17.11
CA MET B 112 3.00 6.88 17.41
C MET B 112 3.25 6.76 18.91
N LYS B 113 2.73 7.69 19.71
CA LYS B 113 3.01 7.69 21.14
C LYS B 113 2.00 6.86 21.92
N LEU B 114 0.98 6.31 21.25
CA LEU B 114 0.11 5.32 21.87
C LEU B 114 0.90 4.08 22.22
N GLU B 115 0.58 3.49 23.36
CA GLU B 115 1.45 2.47 23.88
C GLU B 115 0.78 1.12 23.64
N ILE B 116 0.60 0.83 22.34
CA ILE B 116 -0.19 -0.31 21.89
C ILE B 116 0.42 -1.63 22.31
N ASP B 117 1.75 -1.71 22.35
CA ASP B 117 2.42 -2.93 22.73
C ASP B 117 2.05 -3.34 24.16
N GLU B 118 1.58 -2.42 24.99
CA GLU B 118 1.23 -2.74 26.38
C GLU B 118 -0.09 -3.49 26.50
N ILE B 119 -0.93 -3.49 25.46
CA ILE B 119 -2.21 -4.19 25.52
C ILE B 119 -2.36 -5.28 24.47
N ALA B 120 -1.36 -5.48 23.62
CA ALA B 120 -1.42 -6.53 22.62
C ALA B 120 -0.93 -7.85 23.21
N ALA B 121 -1.63 -8.93 22.91
CA ALA B 121 -1.17 -10.23 23.34
C ALA B 121 0.14 -10.58 22.63
N PRO B 122 0.99 -11.42 23.26
CA PRO B 122 2.29 -11.76 22.64
C PRO B 122 2.14 -12.32 21.24
N ARG B 123 1.09 -13.08 20.99
CA ARG B 123 0.71 -13.44 19.63
C ARG B 123 -0.57 -12.67 19.34
N SER B 124 -0.53 -11.79 18.35
CA SER B 124 -1.70 -10.95 18.10
C SER B 124 -1.51 -10.18 16.79
N PHE B 125 -2.58 -9.50 16.41
CA PHE B 125 -2.69 -8.88 15.10
C PHE B 125 -3.17 -7.45 15.25
N ILE B 126 -2.76 -6.60 14.32
CA ILE B 126 -3.20 -5.22 14.31
C ILE B 126 -3.66 -4.89 12.91
N PHE B 127 -4.70 -4.04 12.82
CA PHE B 127 -5.20 -3.50 11.56
C PHE B 127 -5.26 -1.99 11.74
N LEU B 128 -4.40 -1.28 10.99
CA LEU B 128 -4.20 0.15 11.17
C LEU B 128 -4.63 0.85 9.89
N TRP B 129 -5.71 1.64 9.98
CA TRP B 129 -6.12 2.53 8.90
C TRP B 129 -5.12 3.66 8.80
N CYS B 130 -4.46 3.78 7.63
CA CYS B 130 -3.37 4.71 7.43
C CYS B 130 -3.68 5.82 6.45
N GLY B 131 -4.86 5.81 5.84
CA GLY B 131 -5.15 6.90 4.92
C GLY B 131 -4.47 6.71 3.59
N SER B 132 -4.01 7.81 3.01
CA SER B 132 -3.49 7.79 1.66
C SER B 132 -2.21 8.61 1.51
N GLY B 133 -1.74 9.27 2.57
CA GLY B 133 -0.58 10.12 2.46
C GLY B 133 0.56 9.64 3.34
N GLU B 134 1.07 10.49 4.22
CA GLU B 134 2.25 10.13 4.98
C GLU B 134 2.01 8.97 5.95
N GLY B 135 0.74 8.66 6.24
CA GLY B 135 0.43 7.49 7.07
C GLY B 135 0.93 6.17 6.51
N LEU B 136 1.01 6.04 5.18
CA LEU B 136 1.57 4.83 4.58
C LEU B 136 3.00 4.58 5.03
N ASP B 137 3.74 5.63 5.39
CA ASP B 137 5.08 5.47 5.95
C ASP B 137 5.08 5.48 7.47
N LEU B 138 4.45 6.49 8.07
CA LEU B 138 4.40 6.60 9.53
C LEU B 138 3.64 5.45 10.16
N GLY B 139 2.58 4.95 9.50
CA GLY B 139 1.91 3.77 10.02
C GLY B 139 2.81 2.55 10.07
N ARG B 140 3.73 2.42 9.12
CA ARG B 140 4.70 1.34 9.19
C ARG B 140 5.70 1.58 10.32
N VAL B 141 6.10 2.84 10.55
CA VAL B 141 6.94 3.11 11.71
C VAL B 141 6.23 2.68 13.00
N CYS B 142 4.93 3.01 13.11
CA CYS B 142 4.14 2.60 14.28
C CYS B 142 4.12 1.09 14.44
N LEU B 143 3.76 0.35 13.39
CA LEU B 143 3.78 -1.10 13.51
C LEU B 143 5.10 -1.62 14.06
N ARG B 144 6.21 -1.16 13.51
CA ARG B 144 7.49 -1.66 14.03
C ARG B 144 7.71 -1.19 15.47
N LYS B 145 7.33 0.05 15.77
CA LYS B 145 7.49 0.55 17.13
C LYS B 145 6.77 -0.33 18.14
N TRP B 146 5.60 -0.85 17.77
CA TRP B 146 4.79 -1.67 18.68
C TRP B 146 5.11 -3.15 18.59
N GLY B 147 6.09 -3.53 17.75
CA GLY B 147 6.51 -4.91 17.70
C GLY B 147 5.86 -5.77 16.64
N TYR B 148 5.21 -5.18 15.64
CA TYR B 148 4.57 -5.96 14.59
C TYR B 148 5.43 -5.94 13.33
N ARG B 149 5.23 -6.94 12.48
CA ARG B 149 5.67 -6.87 11.10
C ARG B 149 4.44 -6.85 10.19
N ARG B 150 4.51 -6.05 9.12
CA ARG B 150 3.39 -5.97 8.20
C ARG B 150 3.32 -7.25 7.37
N CYS B 151 2.16 -7.90 7.39
CA CYS B 151 1.96 -9.06 6.54
C CYS B 151 0.94 -8.88 5.42
N GLU B 152 0.08 -7.86 5.47
CA GLU B 152 -0.76 -7.51 4.33
C GLU B 152 -0.99 -6.01 4.28
N ASP B 153 -1.35 -5.56 3.08
CA ASP B 153 -1.75 -4.17 2.84
C ASP B 153 -3.11 -4.24 2.17
N ILE B 154 -4.16 -3.87 2.91
CA ILE B 154 -5.54 -3.98 2.44
C ILE B 154 -5.96 -2.61 1.92
N CYS B 155 -6.35 -2.55 0.66
N CYS B 155 -6.32 -2.54 0.64
CA CYS B 155 -6.63 -1.29 0.01
CA CYS B 155 -6.62 -1.26 0.01
C CYS B 155 -8.13 -1.10 -0.17
C CYS B 155 -8.13 -1.11 -0.16
N TRP B 156 -8.66 -0.01 0.37
CA TRP B 156 -10.06 0.37 0.18
C TRP B 156 -10.10 1.27 -1.06
N ILE B 157 -10.56 0.72 -2.16
CA ILE B 157 -10.65 1.43 -3.44
C ILE B 157 -12.00 2.12 -3.49
N LYS B 158 -12.01 3.43 -3.71
CA LYS B 158 -13.25 4.20 -3.69
C LYS B 158 -13.69 4.54 -5.12
N THR B 159 -14.88 4.06 -5.51
CA THR B 159 -15.44 4.43 -6.81
C THR B 159 -16.15 5.78 -6.71
N ASN B 160 -16.38 6.39 -7.87
CA ASN B 160 -17.12 7.64 -7.96
C ASN B 160 -18.21 7.52 -9.03
N LYS B 161 -18.88 6.36 -9.07
CA LYS B 161 -19.94 6.11 -10.04
C LYS B 161 -21.02 7.19 -9.98
N ASN B 162 -21.26 7.74 -8.80
CA ASN B 162 -22.35 8.69 -8.59
C ASN B 162 -21.93 10.13 -8.80
N ASN B 163 -20.64 10.43 -8.83
CA ASN B 163 -20.24 11.81 -9.06
C ASN B 163 -18.97 11.92 -9.88
N PRO B 164 -18.94 11.40 -11.14
CA PRO B 164 -17.76 11.51 -11.99
C PRO B 164 -17.33 12.96 -12.20
N GLY B 165 -16.03 13.22 -12.10
CA GLY B 165 -15.52 14.57 -12.26
N LEU B 170 -6.61 18.03 -1.90
CA LEU B 170 -5.72 17.69 -3.01
C LEU B 170 -4.29 17.98 -2.57
N ASP B 171 -3.72 17.08 -1.77
CA ASP B 171 -2.54 17.36 -0.97
C ASP B 171 -1.45 17.97 -1.85
N PRO B 172 -0.75 19.01 -1.37
CA PRO B 172 0.25 19.68 -2.22
C PRO B 172 1.37 18.76 -2.69
N LYS B 173 1.72 17.75 -1.90
CA LYS B 173 2.73 16.77 -2.27
C LYS B 173 2.25 15.80 -3.35
N ALA B 174 0.94 15.65 -3.51
CA ALA B 174 0.39 14.58 -4.33
C ALA B 174 0.81 14.72 -5.79
N VAL B 175 1.04 13.58 -6.44
CA VAL B 175 1.34 13.54 -7.86
C VAL B 175 0.06 13.13 -8.59
N PHE B 176 -0.75 12.32 -7.93
CA PHE B 176 -1.96 11.76 -8.51
C PHE B 176 -3.15 12.07 -7.61
N GLN B 177 -4.34 12.03 -8.20
CA GLN B 177 -5.56 12.09 -7.40
C GLN B 177 -5.63 10.83 -6.55
N ARG B 178 -5.86 11.02 -5.25
CA ARG B 178 -5.87 9.91 -4.31
C ARG B 178 -7.28 9.37 -4.15
N THR B 179 -7.48 8.11 -4.56
CA THR B 179 -8.81 7.51 -4.63
C THR B 179 -8.93 6.24 -3.79
N LYS B 180 -8.03 6.04 -2.83
CA LYS B 180 -8.04 4.85 -2.00
C LYS B 180 -7.49 5.18 -0.62
N GLU B 181 -7.72 4.26 0.32
CA GLU B 181 -7.09 4.29 1.64
C GLU B 181 -6.50 2.92 1.93
N HIS B 182 -5.51 2.88 2.81
CA HIS B 182 -4.80 1.64 3.13
C HIS B 182 -5.04 1.28 4.58
N CYS B 183 -5.37 0.01 4.82
CA CYS B 183 -5.41 -0.60 6.14
C CYS B 183 -4.29 -1.64 6.21
N LEU B 184 -3.26 -1.35 7.01
CA LEU B 184 -2.13 -2.27 7.15
C LEU B 184 -2.41 -3.30 8.21
N MET B 185 -2.10 -4.55 7.91
CA MET B 185 -2.26 -5.63 8.87
C MET B 185 -0.89 -6.08 9.36
N GLY B 186 -0.71 -6.13 10.67
CA GLY B 186 0.56 -6.46 11.27
C GLY B 186 0.38 -7.67 12.15
N ILE B 187 1.46 -8.43 12.33
CA ILE B 187 1.43 -9.62 13.16
C ILE B 187 2.59 -9.55 14.14
N LYS B 188 2.37 -10.08 15.35
CA LYS B 188 3.47 -10.22 16.28
C LYS B 188 3.34 -11.58 16.95
N GLY B 189 4.47 -12.17 17.27
CA GLY B 189 4.53 -13.51 17.81
C GLY B 189 4.73 -14.55 16.72
N THR B 190 4.97 -15.78 17.18
CA THR B 190 5.22 -16.90 16.27
C THR B 190 3.91 -17.49 15.74
N VAL B 204 -10.00 -17.04 1.94
CA VAL B 204 -11.25 -16.72 1.24
C VAL B 204 -11.26 -15.27 0.72
N ASP B 205 -10.58 -14.38 1.41
CA ASP B 205 -10.73 -12.95 1.13
C ASP B 205 -9.55 -12.41 0.32
N ILE B 206 -9.81 -11.27 -0.33
CA ILE B 206 -8.84 -10.55 -1.14
C ILE B 206 -8.41 -9.31 -0.37
N ASP B 207 -7.25 -8.75 -0.74
CA ASP B 207 -6.74 -7.56 -0.08
C ASP B 207 -7.30 -6.27 -0.67
N LEU B 208 -8.53 -6.30 -1.18
CA LEU B 208 -9.19 -5.11 -1.73
C LEU B 208 -10.60 -5.01 -1.20
N ILE B 209 -11.02 -3.79 -0.91
CA ILE B 209 -12.42 -3.47 -0.59
C ILE B 209 -12.83 -2.38 -1.55
N ILE B 210 -13.94 -2.57 -2.25
CA ILE B 210 -14.38 -1.62 -3.26
C ILE B 210 -15.77 -1.14 -2.91
N THR B 211 -15.90 0.16 -2.62
CA THR B 211 -17.19 0.79 -2.38
C THR B 211 -17.17 2.19 -2.97
N GLU B 212 -18.36 2.78 -3.04
CA GLU B 212 -18.46 4.15 -3.52
C GLU B 212 -17.89 5.11 -2.48
N GLU B 213 -17.21 6.14 -2.94
CA GLU B 213 -16.64 7.11 -2.03
C GLU B 213 -17.76 7.74 -1.20
N PRO B 214 -17.67 7.70 0.12
CA PRO B 214 -18.75 8.28 0.94
C PRO B 214 -18.84 9.79 0.76
N GLU B 215 -20.03 10.29 1.08
CA GLU B 215 -20.29 11.73 1.07
C GLU B 215 -19.32 12.46 1.98
N ILE B 216 -19.06 13.73 1.62
CA ILE B 216 -18.13 14.56 2.39
C ILE B 216 -18.55 14.63 3.85
N GLY B 217 -17.54 14.63 4.73
CA GLY B 217 -17.77 14.63 6.17
C GLY B 217 -18.09 13.28 6.77
N ASN B 218 -18.30 12.25 5.94
CA ASN B 218 -18.48 10.89 6.43
C ASN B 218 -17.11 10.24 6.53
N ILE B 219 -16.71 9.88 7.75
CA ILE B 219 -15.39 9.30 8.01
C ILE B 219 -15.44 7.80 8.18
N GLU B 220 -16.63 7.20 8.05
CA GLU B 220 -16.80 5.79 8.36
C GLU B 220 -15.94 4.98 7.39
N LYS B 221 -15.31 3.94 7.87
CA LYS B 221 -14.63 3.02 6.97
C LYS B 221 -15.57 1.88 6.61
N PRO B 222 -15.33 1.18 5.50
CA PRO B 222 -16.25 0.11 5.08
C PRO B 222 -16.32 -1.01 6.11
N VAL B 223 -17.54 -1.44 6.43
CA VAL B 223 -17.75 -2.51 7.40
C VAL B 223 -17.14 -3.81 6.92
N GLU B 224 -16.88 -3.92 5.62
CA GLU B 224 -16.22 -5.10 5.07
C GLU B 224 -14.89 -5.41 5.78
N ILE B 225 -14.23 -4.39 6.33
CA ILE B 225 -12.96 -4.67 7.02
C ILE B 225 -13.19 -5.61 8.19
N PHE B 226 -14.34 -5.46 8.89
CA PHE B 226 -14.64 -6.38 9.99
C PHE B 226 -14.82 -7.79 9.47
N HIS B 227 -15.44 -7.93 8.31
CA HIS B 227 -15.64 -9.27 7.74
C HIS B 227 -14.30 -9.93 7.47
N ILE B 228 -13.37 -9.20 6.85
CA ILE B 228 -12.05 -9.74 6.58
C ILE B 228 -11.37 -10.16 7.89
N ILE B 229 -11.41 -9.29 8.90
CA ILE B 229 -10.74 -9.61 10.16
C ILE B 229 -11.35 -10.84 10.81
N GLU B 230 -12.67 -10.89 10.89
CA GLU B 230 -13.31 -12.01 11.58
C GLU B 230 -13.09 -13.32 10.83
N HIS B 231 -13.02 -13.28 9.49
CA HIS B 231 -12.77 -14.50 8.72
C HIS B 231 -11.37 -15.07 8.93
N PHE B 232 -10.44 -14.30 9.46
CA PHE B 232 -9.12 -14.83 9.77
C PHE B 232 -9.14 -15.79 10.96
N CYS B 233 -10.18 -15.75 11.79
CA CYS B 233 -10.31 -16.62 12.98
C CYS B 233 -9.09 -16.50 13.90
N LEU B 234 -8.80 -15.27 14.31
CA LEU B 234 -7.59 -14.95 15.07
C LEU B 234 -7.77 -14.99 16.58
N GLY B 235 -8.95 -15.32 17.08
CA GLY B 235 -9.21 -15.22 18.50
C GLY B 235 -10.30 -14.21 18.78
N ARG B 236 -10.75 -14.22 20.03
CA ARG B 236 -12.00 -13.58 20.37
C ARG B 236 -11.85 -12.27 21.11
N ARG B 237 -10.65 -11.89 21.55
CA ARG B 237 -10.45 -10.63 22.26
C ARG B 237 -10.11 -9.59 21.21
N ARG B 238 -11.11 -8.80 20.80
CA ARG B 238 -11.00 -7.92 19.65
C ARG B 238 -11.30 -6.51 20.10
N LEU B 239 -10.38 -5.59 19.83
CA LEU B 239 -10.46 -4.21 20.28
C LEU B 239 -10.50 -3.27 19.09
N HIS B 240 -11.44 -2.33 19.10
CA HIS B 240 -11.53 -1.30 18.07
C HIS B 240 -11.28 0.04 18.75
N LEU B 241 -10.08 0.60 18.56
CA LEU B 241 -9.76 1.90 19.10
C LEU B 241 -10.19 2.97 18.13
N PHE B 242 -10.86 4.02 18.66
CA PHE B 242 -11.48 5.12 17.92
C PHE B 242 -12.72 4.70 17.14
N GLY B 243 -13.36 3.63 17.57
CA GLY B 243 -14.70 3.33 17.11
C GLY B 243 -15.71 4.34 17.63
N ARG B 244 -16.95 4.22 17.16
CA ARG B 244 -18.02 5.18 17.45
C ARG B 244 -19.29 4.40 17.78
N ASP B 245 -20.34 5.11 18.24
CA ASP B 245 -21.61 4.41 18.45
C ASP B 245 -21.97 3.60 17.22
N SER B 246 -21.70 4.16 16.03
CA SER B 246 -22.09 3.56 14.76
C SER B 246 -21.26 2.34 14.37
N THR B 247 -20.14 2.07 15.04
CA THR B 247 -19.36 0.90 14.68
C THR B 247 -19.46 -0.23 15.69
N ILE B 248 -20.19 -0.03 16.81
CA ILE B 248 -20.27 -1.09 17.82
C ILE B 248 -20.82 -2.37 17.20
N ARG B 249 -20.25 -3.50 17.60
CA ARG B 249 -20.43 -4.75 16.88
C ARG B 249 -20.27 -5.91 17.83
N PRO B 250 -21.09 -6.96 17.70
CA PRO B 250 -20.89 -8.15 18.54
C PRO B 250 -19.51 -8.72 18.29
N GLY B 251 -18.91 -9.22 19.36
CA GLY B 251 -17.57 -9.76 19.23
C GLY B 251 -16.46 -8.75 19.40
N TRP B 252 -16.79 -7.48 19.61
CA TRP B 252 -15.81 -6.40 19.64
C TRP B 252 -15.99 -5.58 20.90
N LEU B 253 -14.86 -5.17 21.48
CA LEU B 253 -14.79 -4.10 22.46
C LEU B 253 -14.40 -2.82 21.72
N THR B 254 -15.26 -1.80 21.79
CA THR B 254 -15.08 -0.52 21.12
C THR B 254 -14.76 0.57 22.13
N VAL B 255 -13.64 1.26 21.93
CA VAL B 255 -13.21 2.33 22.81
C VAL B 255 -12.97 3.58 21.98
N GLY B 256 -13.62 4.68 22.35
CA GLY B 256 -13.48 5.90 21.61
C GLY B 256 -14.00 7.10 22.36
N PRO B 257 -13.54 8.29 21.94
CA PRO B 257 -13.92 9.52 22.67
C PRO B 257 -15.37 9.95 22.43
N THR B 258 -15.98 9.60 21.31
CA THR B 258 -17.30 10.11 21.01
C THR B 258 -18.41 9.13 21.39
N LEU B 259 -18.09 7.99 21.98
CA LEU B 259 -19.17 7.10 22.39
C LEU B 259 -20.08 7.82 23.39
N THR B 260 -21.39 7.58 23.27
CA THR B 260 -22.31 8.25 24.16
C THR B 260 -22.61 7.45 25.41
N ASN B 261 -22.34 6.15 25.37
CA ASN B 261 -22.62 5.24 26.47
C ASN B 261 -21.50 4.24 26.61
N SER B 262 -21.37 3.68 27.81
CA SER B 262 -20.39 2.64 28.09
C SER B 262 -21.08 1.47 28.79
N ASN B 263 -20.59 0.27 28.55
CA ASN B 263 -20.95 -0.88 29.37
C ASN B 263 -19.72 -1.67 29.77
N TYR B 264 -18.52 -1.14 29.54
CA TYR B 264 -17.31 -1.93 29.74
C TYR B 264 -17.10 -2.17 31.23
N ASN B 265 -16.85 -3.42 31.58
CA ASN B 265 -16.38 -3.80 32.91
C ASN B 265 -15.29 -4.84 32.72
N ALA B 266 -14.08 -4.54 33.21
CA ALA B 266 -12.93 -5.40 32.91
C ALA B 266 -13.12 -6.82 33.40
N GLU B 267 -13.70 -6.97 34.60
CA GLU B 267 -13.94 -8.30 35.15
C GLU B 267 -14.99 -9.06 34.33
N THR B 268 -16.08 -8.41 33.97
CA THR B 268 -17.07 -9.05 33.10
C THR B 268 -16.46 -9.42 31.74
N TYR B 269 -15.69 -8.51 31.17
CA TYR B 269 -15.10 -8.78 29.87
C TYR B 269 -14.17 -10.00 29.94
N ALA B 270 -13.31 -10.03 30.94
CA ALA B 270 -12.39 -11.16 31.07
C ALA B 270 -13.13 -12.47 31.26
N SER B 271 -14.27 -12.45 31.94
CA SER B 271 -15.04 -13.67 32.13
C SER B 271 -15.53 -14.28 30.82
N TYR B 272 -15.55 -13.51 29.72
CA TYR B 272 -15.94 -14.13 28.46
C TYR B 272 -14.87 -15.09 27.95
N PHE B 273 -13.63 -14.93 28.39
CA PHE B 273 -12.51 -15.70 27.88
C PHE B 273 -11.89 -16.60 28.94
N SER B 274 -12.49 -16.71 30.10
CA SER B 274 -11.98 -17.64 31.11
C SER B 274 -12.26 -19.08 30.68
N ALA B 275 -11.44 -20.00 31.20
CA ALA B 275 -11.53 -21.42 30.87
C ALA B 275 -12.97 -21.90 30.94
N PRO B 276 -13.39 -22.81 30.04
CA PRO B 276 -12.58 -23.46 29.00
C PRO B 276 -12.39 -22.68 27.70
N ASN B 277 -12.63 -21.37 27.70
CA ASN B 277 -12.80 -20.61 26.47
C ASN B 277 -11.58 -19.79 26.08
N SER B 278 -10.45 -19.96 26.78
CA SER B 278 -9.36 -19.00 26.70
C SER B 278 -8.72 -18.93 25.31
N TYR B 279 -8.77 -20.02 24.53
CA TYR B 279 -7.98 -20.12 23.31
C TYR B 279 -8.82 -20.28 22.05
N LEU B 280 -10.13 -20.05 22.12
CA LEU B 280 -10.96 -20.24 20.95
C LEU B 280 -10.58 -19.24 19.86
N THR B 281 -10.64 -19.71 18.62
CA THR B 281 -10.37 -18.88 17.45
C THR B 281 -11.50 -17.91 17.14
N GLY B 282 -12.68 -18.09 17.72
CA GLY B 282 -13.83 -17.32 17.29
C GLY B 282 -14.53 -17.87 16.08
N CYS B 283 -14.07 -19.01 15.54
CA CYS B 283 -14.70 -19.70 14.42
C CYS B 283 -15.10 -21.13 14.74
N THR B 284 -15.02 -21.53 16.01
CA THR B 284 -15.36 -22.89 16.40
C THR B 284 -16.61 -22.86 17.27
N GLU B 285 -17.16 -24.04 17.52
CA GLU B 285 -18.43 -24.13 18.22
C GLU B 285 -18.20 -23.85 19.70
N GLU B 286 -19.25 -23.35 20.37
CA GLU B 286 -19.14 -23.06 21.79
C GLU B 286 -18.79 -24.33 22.58
N ILE B 287 -18.19 -24.13 23.76
CA ILE B 287 -17.82 -25.25 24.62
C ILE B 287 -19.02 -25.57 25.51
N GLU B 288 -19.44 -26.85 25.51
CA GLU B 288 -20.63 -27.25 26.25
C GLU B 288 -20.44 -27.06 27.76
N ARG B 289 -21.41 -26.39 28.37
CA ARG B 289 -21.50 -26.21 29.82
C ARG B 289 -22.65 -27.06 30.38
N LEU B 290 -22.80 -27.04 31.70
CA LEU B 290 -23.86 -27.76 32.41
C LEU B 290 -23.83 -29.28 32.21
#